data_2RPT
#
_entry.id   2RPT
#
_entity_poly.entity_id   1
_entity_poly.type   'polyribonucleotide'
_entity_poly.pdbx_seq_one_letter_code
;GGCCCGCCGAAAGGCCGGCC
;
_entity_poly.pdbx_strand_id   A
#
loop_
_chem_comp.id
_chem_comp.type
_chem_comp.name
_chem_comp.formula
A RNA linking ADENOSINE-5'-MONOPHOSPHATE 'C10 H14 N5 O7 P'
C RNA linking CYTIDINE-5'-MONOPHOSPHATE 'C9 H14 N3 O8 P'
G RNA linking GUANOSINE-5'-MONOPHOSPHATE 'C10 H14 N5 O8 P'
#